data_1OKA
#
_entry.id   1OKA
#
_cell.length_a   1.000
_cell.length_b   1.000
_cell.length_c   1.000
_cell.angle_alpha   90.00
_cell.angle_beta   90.00
_cell.angle_gamma   90.00
#
_symmetry.space_group_name_H-M   'P 1'
#
loop_
_entity.id
_entity.type
_entity.pdbx_description
1 polymer 'RNA/DNA CHIMERA (R(CCCA)D(AATGA)(DOT)D(TCATTTGGG))'
2 polymer 'RNA/DNA CHIMERA (R(CCCA)D(AATGA)(DOT)D(TCATTTGGG))'
#
loop_
_entity_poly.entity_id
_entity_poly.type
_entity_poly.pdbx_seq_one_letter_code
_entity_poly.pdbx_strand_id
1 'polydeoxyribonucleotide' (DT)(DC)(DA)(DT)(DT)(DT)(DG)(DG)(DG) A
2 'polydeoxyribonucleotide/polyribonucleotide hybrid' CCCA(DA)(DA)(DT)(DG)(DA) B
#
loop_
_chem_comp.id
_chem_comp.type
_chem_comp.name
_chem_comp.formula
A RNA linking ADENOSINE-5'-MONOPHOSPHATE 'C10 H14 N5 O7 P'
C RNA linking CYTIDINE-5'-MONOPHOSPHATE 'C9 H14 N3 O8 P'
DA DNA linking 2'-DEOXYADENOSINE-5'-MONOPHOSPHATE 'C10 H14 N5 O6 P'
DC DNA linking 2'-DEOXYCYTIDINE-5'-MONOPHOSPHATE 'C9 H14 N3 O7 P'
DG DNA linking 2'-DEOXYGUANOSINE-5'-MONOPHOSPHATE 'C10 H14 N5 O7 P'
DT DNA linking THYMIDINE-5'-MONOPHOSPHATE 'C10 H15 N2 O8 P'
#